data_5FCK
#
_entry.id   5FCK
#
_cell.length_a   38.266
_cell.length_b   48.742
_cell.length_c   54.730
_cell.angle_alpha   90.00
_cell.angle_beta   108.82
_cell.angle_gamma   90.00
#
_symmetry.space_group_name_H-M   'P 1 21 1'
#
loop_
_entity.id
_entity.type
_entity.pdbx_description
1 polymer 'Complement factor D'
2 non-polymer 1-[2-[(1~{R},3~{S},5~{R})-3-[[(1~{R})-1-(3-chloranyl-2-fluoranyl-phenyl)ethyl]carbamoyl]-2-azabicyclo[3.1.0]hexan-2-yl]-2-oxidanylidene-ethyl]pyrazolo[3,4-c]pyridine-3-carboxamide
3 non-polymer 'SULFATE ION'
4 water water
#
_entity_poly.entity_id   1
_entity_poly.type   'polypeptide(L)'
_entity_poly.pdbx_seq_one_letter_code
;ILGGREAEAHARPYMASVQLNGAHLCGGVLVAEQWVLSAAHCLEDAADGKVQVLLGAHSLSQPEPSKRLYDVLRAVPHPD
SQPDTIDHDLLLLQLSEKATLGPAVRPLPWQRVDRDVAPGTLCDVAGWGIVNHAGRRPDSLQHVLLPVLDRATCNRRTHH
DGAITERLMCAESNRRDSCKGDSGGPLVCGGVLEGVVTSGSRVCGNRKKPGIYTRVASYAAWIDSVLASAAA
;
_entity_poly.pdbx_strand_id   A
#
# COMPACT_ATOMS: atom_id res chain seq x y z
N ILE A 1 8.21 -6.83 3.30
CA ILE A 1 7.94 -6.51 4.75
C ILE A 1 9.11 -7.10 5.57
N LEU A 2 9.79 -6.28 6.33
CA LEU A 2 10.91 -6.73 7.16
C LEU A 2 10.32 -7.12 8.51
N GLY A 3 10.73 -8.26 9.03
CA GLY A 3 10.38 -8.66 10.40
C GLY A 3 8.93 -8.98 10.66
N GLY A 4 8.21 -9.30 9.60
CA GLY A 4 6.83 -9.59 9.71
C GLY A 4 6.67 -11.07 9.83
N ARG A 5 5.43 -11.52 9.62
CA ARG A 5 5.13 -12.94 9.56
C ARG A 5 4.22 -13.22 8.38
N GLU A 6 4.18 -14.47 7.86
CA GLU A 6 3.22 -14.75 6.78
C GLU A 6 1.78 -14.45 7.24
N ALA A 7 1.06 -13.76 6.38
CA ALA A 7 -0.32 -13.38 6.66
C ALA A 7 -1.14 -14.66 6.52
N GLU A 8 -2.28 -14.65 7.21
CA GLU A 8 -3.25 -15.72 7.10
C GLU A 8 -3.76 -15.61 5.64
N ALA A 9 -3.80 -16.72 4.91
CA ALA A 9 -4.22 -16.69 3.51
C ALA A 9 -5.67 -16.08 3.35
N HIS A 10 -5.78 -15.10 2.44
CA HIS A 10 -7.05 -14.48 2.05
C HIS A 10 -7.78 -13.79 3.17
N ALA A 11 -7.09 -13.54 4.29
CA ALA A 11 -7.70 -12.82 5.40
C ALA A 11 -7.73 -11.33 5.15
N ARG A 12 -7.04 -10.86 4.12
CA ARG A 12 -7.11 -9.44 3.72
C ARG A 12 -7.53 -9.41 2.25
N PRO A 13 -8.83 -9.54 2.00
CA PRO A 13 -9.31 -9.78 0.65
C PRO A 13 -9.24 -8.59 -0.30
N TYR A 14 -8.88 -7.45 0.27
CA TYR A 14 -8.59 -6.21 -0.42
C TYR A 14 -7.16 -6.08 -0.88
N MET A 15 -6.28 -7.00 -0.47
CA MET A 15 -4.86 -6.92 -0.88
C MET A 15 -4.65 -7.28 -2.34
N ALA A 16 -3.98 -6.42 -3.06
CA ALA A 16 -3.69 -6.69 -4.47
C ALA A 16 -2.19 -6.70 -4.75
N SER A 17 -1.76 -7.53 -5.70
CA SER A 17 -0.38 -7.40 -6.20
C SER A 17 -0.48 -6.71 -7.58
N VAL A 18 0.16 -5.58 -7.67
CA VAL A 18 0.32 -4.84 -8.90
C VAL A 18 1.57 -5.43 -9.54
N GLN A 19 1.39 -5.85 -10.79
CA GLN A 19 2.35 -6.64 -11.54
C GLN A 19 2.69 -6.02 -12.88
N LEU A 20 3.89 -6.35 -13.33
CA LEU A 20 4.49 -5.85 -14.53
C LEU A 20 5.03 -7.09 -15.18
N ASN A 21 4.43 -7.46 -16.31
CA ASN A 21 4.86 -8.66 -16.98
C ASN A 21 4.77 -9.85 -16.07
N GLY A 22 3.74 -9.85 -15.25
CA GLY A 22 3.42 -10.99 -14.43
C GLY A 22 4.40 -11.16 -13.31
N ALA A 23 5.14 -10.12 -12.95
CA ALA A 23 6.02 -10.18 -11.77
C ALA A 23 5.58 -9.08 -10.83
N HIS A 24 5.60 -9.38 -9.53
CA HIS A 24 5.16 -8.45 -8.51
C HIS A 24 5.96 -7.19 -8.60
N LEU A 25 5.27 -6.07 -8.65
CA LEU A 25 5.88 -4.74 -8.71
C LEU A 25 5.63 -3.92 -7.41
N CYS A 26 4.37 -3.88 -6.94
CA CYS A 26 3.93 -3.10 -5.77
C CYS A 26 2.70 -3.72 -5.14
N GLY A 27 2.46 -3.41 -3.87
CA GLY A 27 1.18 -3.71 -3.30
C GLY A 27 0.14 -2.77 -3.95
N GLY A 28 -1.11 -3.11 -3.66
CA GLY A 28 -2.26 -2.27 -3.95
C GLY A 28 -3.38 -2.67 -3.06
N VAL A 29 -4.46 -1.88 -3.11
CA VAL A 29 -5.62 -2.14 -2.30
C VAL A 29 -6.87 -1.93 -3.11
N LEU A 30 -7.70 -2.96 -3.15
CA LEU A 30 -8.98 -2.83 -3.84
C LEU A 30 -9.88 -1.85 -3.05
N VAL A 31 -10.15 -0.69 -3.66
CA VAL A 31 -11.01 0.29 -3.03
C VAL A 31 -12.39 0.45 -3.68
N ALA A 32 -12.57 -0.17 -4.83
CA ALA A 32 -13.90 -0.17 -5.46
C ALA A 32 -13.95 -1.40 -6.34
N GLU A 33 -15.10 -1.69 -6.91
CA GLU A 33 -15.24 -2.89 -7.70
C GLU A 33 -14.22 -2.93 -8.80
N GLN A 34 -13.90 -1.77 -9.34
CA GLN A 34 -13.15 -1.73 -10.58
C GLN A 34 -11.88 -0.96 -10.39
N TRP A 35 -11.54 -0.66 -9.12
CA TRP A 35 -10.39 0.21 -8.87
C TRP A 35 -9.47 -0.28 -7.76
N VAL A 36 -8.18 -0.21 -8.04
CA VAL A 36 -7.12 -0.54 -7.08
C VAL A 36 -6.29 0.72 -6.85
N LEU A 37 -6.09 1.07 -5.58
CA LEU A 37 -5.29 2.21 -5.23
C LEU A 37 -3.86 1.68 -4.89
N SER A 38 -2.83 2.42 -5.29
CA SER A 38 -1.44 2.01 -5.07
C SER A 38 -0.66 3.33 -4.99
N ALA A 39 0.60 3.30 -5.36
CA ALA A 39 1.50 4.40 -5.20
C ALA A 39 2.02 4.86 -6.53
N ALA A 40 2.16 6.18 -6.61
CA ALA A 40 2.47 6.84 -7.86
C ALA A 40 3.72 6.27 -8.55
N HIS A 41 4.81 5.99 -7.82
CA HIS A 41 6.05 5.66 -8.49
C HIS A 41 6.13 4.22 -8.92
N CYS A 42 5.12 3.44 -8.55
CA CYS A 42 5.06 2.07 -8.99
C CYS A 42 5.16 1.97 -10.53
N LEU A 43 4.56 2.91 -11.24
CA LEU A 43 4.59 2.83 -12.72
C LEU A 43 5.68 3.67 -13.37
N ASP A 48 6.32 1.33 -20.96
CA ASP A 48 5.03 0.89 -21.44
C ASP A 48 4.86 -0.67 -21.27
N GLY A 49 5.37 -1.23 -20.16
CA GLY A 49 5.23 -2.71 -19.86
C GLY A 49 3.77 -3.09 -19.53
N LYS A 50 3.45 -4.37 -19.47
CA LYS A 50 2.04 -4.80 -19.20
C LYS A 50 1.75 -4.84 -17.72
N VAL A 51 0.85 -3.96 -17.30
CA VAL A 51 0.54 -3.81 -15.90
C VAL A 51 -0.74 -4.55 -15.63
N GLN A 52 -0.71 -5.42 -14.63
CA GLN A 52 -1.89 -6.16 -14.22
C GLN A 52 -2.11 -6.03 -12.74
N VAL A 53 -3.33 -6.39 -12.33
CA VAL A 53 -3.58 -6.59 -10.89
C VAL A 53 -4.09 -7.97 -10.54
N LEU A 54 -3.34 -8.59 -9.64
CA LEU A 54 -3.66 -9.87 -9.05
C LEU A 54 -4.44 -9.71 -7.74
N LEU A 55 -5.67 -10.23 -7.75
CA LEU A 55 -6.54 -10.26 -6.61
C LEU A 55 -6.77 -11.66 -6.15
N GLY A 56 -7.23 -11.75 -4.90
CA GLY A 56 -7.52 -13.03 -4.26
C GLY A 56 -6.31 -13.90 -4.00
N ALA A 57 -5.13 -13.31 -3.97
CA ALA A 57 -3.88 -14.10 -3.87
C ALA A 57 -3.31 -14.14 -2.47
N HIS A 58 -2.63 -15.23 -2.22
CA HIS A 58 -1.71 -15.34 -1.11
C HIS A 58 -0.30 -15.61 -1.63
N SER A 59 -0.17 -16.71 -2.38
CA SER A 59 1.03 -17.02 -3.14
C SER A 59 1.02 -16.32 -4.50
N LEU A 60 2.12 -15.73 -4.91
CA LEU A 60 2.26 -15.21 -6.23
C LEU A 60 2.30 -16.30 -7.30
N SER A 61 2.98 -17.38 -6.96
CA SER A 61 3.30 -18.46 -7.93
C SER A 61 2.29 -19.60 -8.02
N GLN A 62 1.61 -19.92 -6.92
CA GLN A 62 0.83 -21.12 -6.81
C GLN A 62 -0.61 -20.89 -7.25
N PRO A 63 -1.24 -21.91 -7.86
CA PRO A 63 -2.67 -21.81 -8.19
C PRO A 63 -3.53 -21.74 -6.95
N GLU A 64 -4.39 -20.75 -6.91
CA GLU A 64 -5.35 -20.66 -5.83
C GLU A 64 -6.70 -20.34 -6.46
N PRO A 65 -7.77 -21.00 -5.97
CA PRO A 65 -9.07 -20.87 -6.60
C PRO A 65 -9.52 -19.41 -6.70
N SER A 66 -9.29 -18.66 -5.63
CA SER A 66 -9.62 -17.27 -5.56
C SER A 66 -8.76 -16.35 -6.44
N LYS A 67 -7.66 -16.85 -6.99
CA LYS A 67 -6.69 -15.95 -7.63
C LYS A 67 -7.22 -15.55 -8.98
N ARG A 68 -7.23 -14.25 -9.25
CA ARG A 68 -7.56 -13.77 -10.59
C ARG A 68 -6.76 -12.53 -10.95
N LEU A 69 -6.17 -12.60 -12.12
CA LEU A 69 -5.35 -11.55 -12.64
C LEU A 69 -6.21 -10.73 -13.60
N TYR A 70 -6.18 -9.42 -13.39
CA TYR A 70 -6.99 -8.45 -14.10
C TYR A 70 -6.07 -7.57 -14.89
N ASP A 71 -6.37 -7.43 -16.16
CA ASP A 71 -5.77 -6.41 -16.96
C ASP A 71 -6.24 -5.04 -16.45
N VAL A 72 -5.53 -4.03 -16.90
CA VAL A 72 -5.78 -2.68 -16.42
C VAL A 72 -6.16 -1.81 -17.60
N LEU A 73 -7.36 -1.27 -17.58
CA LEU A 73 -7.81 -0.36 -18.62
C LEU A 73 -7.07 0.97 -18.59
N ARG A 74 -6.85 1.48 -17.37
CA ARG A 74 -6.29 2.80 -17.13
C ARG A 74 -5.48 2.80 -15.86
N ALA A 75 -4.31 3.43 -15.93
CA ALA A 75 -3.43 3.74 -14.82
C ALA A 75 -3.41 5.23 -14.66
N VAL A 76 -3.80 5.69 -13.49
CA VAL A 76 -3.96 7.09 -13.26
C VAL A 76 -3.02 7.50 -12.07
N PRO A 77 -1.76 7.81 -12.37
CA PRO A 77 -0.90 8.39 -11.32
C PRO A 77 -1.44 9.73 -10.89
N HIS A 78 -1.21 10.09 -9.63
CA HIS A 78 -1.68 11.34 -9.17
C HIS A 78 -1.02 12.36 -10.07
N PRO A 79 -1.78 13.35 -10.58
CA PRO A 79 -1.15 14.28 -11.60
C PRO A 79 -0.13 15.26 -11.02
N ASP A 80 -0.13 15.45 -9.71
CA ASP A 80 0.91 16.23 -9.05
C ASP A 80 2.10 15.42 -8.53
N SER A 81 2.11 14.09 -8.65
CA SER A 81 3.32 13.34 -8.26
C SER A 81 4.50 13.68 -9.17
N GLN A 82 5.70 13.60 -8.62
CA GLN A 82 6.93 13.94 -9.36
C GLN A 82 7.98 12.92 -8.98
N PRO A 83 8.82 12.53 -9.94
CA PRO A 83 9.90 11.71 -9.43
C PRO A 83 10.69 12.56 -8.41
N ASP A 84 11.49 11.92 -7.60
CA ASP A 84 12.32 12.66 -6.64
C ASP A 84 11.52 13.30 -5.50
N THR A 85 10.22 13.00 -5.37
CA THR A 85 9.46 13.43 -4.20
C THR A 85 8.51 12.31 -3.84
N ILE A 86 8.06 12.24 -2.60
CA ILE A 86 6.97 11.31 -2.27
C ILE A 86 5.67 12.03 -1.93
N ASP A 87 5.50 13.27 -2.40
CA ASP A 87 4.21 13.92 -2.25
C ASP A 87 3.24 13.32 -3.27
N HIS A 88 1.98 13.24 -2.86
CA HIS A 88 0.87 12.91 -3.70
C HIS A 88 1.14 11.60 -4.33
N ASP A 89 1.64 10.65 -3.54
CA ASP A 89 2.20 9.40 -4.03
C ASP A 89 1.13 8.33 -4.14
N LEU A 90 0.08 8.62 -4.93
CA LEU A 90 -1.00 7.68 -5.17
C LEU A 90 -1.15 7.33 -6.69
N LEU A 91 -1.70 6.17 -6.92
CA LEU A 91 -1.93 5.64 -8.23
C LEU A 91 -3.24 4.90 -8.17
N LEU A 92 -4.12 5.15 -9.14
CA LEU A 92 -5.38 4.44 -9.22
C LEU A 92 -5.37 3.63 -10.48
N LEU A 93 -5.73 2.38 -10.32
CA LEU A 93 -5.72 1.46 -11.46
C LEU A 93 -7.11 0.97 -11.72
N GLN A 94 -7.63 1.33 -12.90
CA GLN A 94 -8.92 0.85 -13.29
C GLN A 94 -8.77 -0.53 -13.90
N LEU A 95 -9.39 -1.54 -13.28
CA LEU A 95 -9.36 -2.86 -13.84
C LEU A 95 -10.14 -2.91 -15.20
N SER A 96 -9.77 -3.87 -16.07
CA SER A 96 -10.49 -4.17 -17.32
CA SER A 96 -10.50 -4.06 -17.33
C SER A 96 -12.01 -4.20 -17.08
N GLU A 97 -12.40 -4.83 -15.98
CA GLU A 97 -13.78 -4.98 -15.62
C GLU A 97 -13.91 -5.02 -14.09
N LYS A 98 -15.14 -4.88 -13.61
CA LYS A 98 -15.44 -5.10 -12.18
C LYS A 98 -14.91 -6.44 -11.73
N ALA A 99 -14.14 -6.44 -10.64
CA ALA A 99 -13.60 -7.61 -10.05
C ALA A 99 -14.72 -8.50 -9.52
N THR A 100 -14.53 -9.79 -9.63
CA THR A 100 -15.46 -10.71 -8.96
C THR A 100 -15.18 -10.74 -7.48
N LEU A 101 -16.16 -10.32 -6.70
CA LEU A 101 -16.03 -10.27 -5.28
C LEU A 101 -16.42 -11.60 -4.73
N GLY A 102 -15.80 -11.99 -3.63
CA GLY A 102 -16.25 -13.17 -2.86
C GLY A 102 -15.48 -13.13 -1.56
N PRO A 103 -15.40 -14.27 -0.82
CA PRO A 103 -14.74 -14.22 0.49
C PRO A 103 -13.28 -13.72 0.41
N ALA A 104 -12.58 -14.05 -0.68
CA ALA A 104 -11.15 -13.67 -0.80
C ALA A 104 -10.91 -12.38 -1.57
N VAL A 105 -11.98 -11.73 -2.05
CA VAL A 105 -11.80 -10.52 -2.87
C VAL A 105 -12.91 -9.54 -2.52
N ARG A 106 -12.51 -8.48 -1.83
CA ARG A 106 -13.44 -7.51 -1.30
C ARG A 106 -12.75 -6.14 -1.13
N PRO A 107 -13.41 -5.09 -1.62
CA PRO A 107 -12.95 -3.73 -1.42
C PRO A 107 -12.82 -3.38 0.05
N LEU A 108 -11.85 -2.56 0.38
CA LEU A 108 -11.68 -2.09 1.73
C LEU A 108 -12.12 -0.62 1.87
N PRO A 109 -13.09 -0.36 2.75
CA PRO A 109 -13.45 1.04 2.96
C PRO A 109 -12.22 1.89 3.34
N TRP A 110 -12.12 3.11 2.78
CA TRP A 110 -11.01 4.02 3.02
C TRP A 110 -11.43 5.27 3.78
N GLN A 111 -10.50 5.76 4.59
CA GLN A 111 -10.79 6.85 5.53
C GLN A 111 -11.12 8.17 4.81
N ARG A 112 -12.23 8.74 5.27
CA ARG A 112 -12.67 10.02 4.74
CA ARG A 112 -12.78 9.99 4.74
C ARG A 112 -12.53 11.16 5.73
N VAL A 113 -12.35 10.87 7.00
CA VAL A 113 -12.15 11.96 7.95
C VAL A 113 -10.71 12.41 7.84
N ASP A 114 -10.46 13.66 7.45
CA ASP A 114 -9.08 14.14 7.39
C ASP A 114 -8.58 14.64 8.77
N ARG A 115 -8.47 13.72 9.71
CA ARG A 115 -7.90 13.97 11.03
C ARG A 115 -6.94 12.85 11.37
N ASP A 116 -5.88 13.17 12.12
CA ASP A 116 -4.90 12.14 12.50
C ASP A 116 -5.49 11.14 13.48
N VAL A 117 -5.00 9.95 13.34
CA VAL A 117 -5.33 8.84 14.20
CA VAL A 117 -5.29 8.83 14.22
C VAL A 117 -4.50 8.99 15.50
N ALA A 118 -4.87 8.23 16.53
CA ALA A 118 -4.15 8.26 17.81
C ALA A 118 -2.72 7.88 17.64
N PRO A 119 -1.82 8.56 18.38
CA PRO A 119 -0.44 8.07 18.44
C PRO A 119 -0.46 6.62 18.85
N GLY A 120 0.35 5.81 18.17
CA GLY A 120 0.55 4.46 18.61
C GLY A 120 -0.53 3.49 18.17
N THR A 121 -1.52 3.95 17.42
CA THR A 121 -2.61 3.10 16.84
C THR A 121 -1.95 2.00 16.06
N LEU A 122 -2.39 0.78 16.28
CA LEU A 122 -1.72 -0.38 15.77
C LEU A 122 -2.37 -0.67 14.42
N CYS A 123 -1.61 -0.54 13.37
CA CYS A 123 -2.12 -0.68 12.05
C CYS A 123 -1.43 -1.88 11.44
N ASP A 124 -1.98 -2.36 10.35
CA ASP A 124 -1.48 -3.57 9.76
C ASP A 124 -1.06 -3.25 8.34
N VAL A 125 0.17 -3.64 7.97
CA VAL A 125 0.70 -3.47 6.63
C VAL A 125 1.06 -4.85 6.13
N ALA A 126 0.61 -5.10 4.93
CA ALA A 126 0.88 -6.35 4.24
C ALA A 126 1.54 -6.07 2.91
N GLY A 127 2.33 -7.05 2.47
CA GLY A 127 2.94 -6.91 1.16
C GLY A 127 3.75 -8.12 0.83
N TRP A 128 4.19 -8.13 -0.41
CA TRP A 128 5.09 -9.14 -0.95
C TRP A 128 6.51 -8.59 -1.15
N GLY A 129 6.81 -7.53 -0.39
CA GLY A 129 8.08 -6.87 -0.52
C GLY A 129 9.19 -7.71 0.07
N ILE A 130 10.40 -7.18 -0.01
CA ILE A 130 11.57 -7.91 0.48
C ILE A 130 11.56 -8.16 2.00
N VAL A 131 12.13 -9.27 2.42
CA VAL A 131 11.98 -9.67 3.79
C VAL A 131 13.32 -9.68 4.53
N ASN A 132 14.45 -9.35 3.87
CA ASN A 132 15.70 -9.23 4.61
C ASN A 132 16.66 -8.33 3.87
N HIS A 133 17.83 -8.16 4.47
CA HIS A 133 18.85 -7.28 3.92
C HIS A 133 19.49 -7.74 2.61
N ALA A 134 19.52 -9.05 2.39
CA ALA A 134 20.00 -9.59 1.12
C ALA A 134 19.02 -9.37 -0.02
N GLY A 135 17.78 -9.00 0.31
CA GLY A 135 16.74 -8.81 -0.71
C GLY A 135 15.85 -10.02 -1.02
N ARG A 136 15.75 -10.97 -0.08
CA ARG A 136 14.92 -12.14 -0.30
C ARG A 136 13.47 -11.70 -0.49
N ARG A 137 12.81 -12.26 -1.50
CA ARG A 137 11.48 -11.95 -1.89
C ARG A 137 10.59 -13.13 -1.51
N PRO A 138 9.51 -12.88 -0.76
CA PRO A 138 8.63 -13.97 -0.36
C PRO A 138 7.60 -14.35 -1.44
N ASP A 139 7.28 -15.64 -1.56
CA ASP A 139 6.20 -16.07 -2.44
C ASP A 139 4.83 -15.69 -1.94
N SER A 140 4.68 -15.71 -0.61
CA SER A 140 3.40 -15.58 0.07
CA SER A 140 3.39 -15.58 0.04
C SER A 140 3.27 -14.24 0.80
N LEU A 141 2.07 -13.73 0.92
CA LEU A 141 1.87 -12.44 1.58
C LEU A 141 2.32 -12.42 3.03
N GLN A 142 3.07 -11.36 3.34
CA GLN A 142 3.57 -11.06 4.67
C GLN A 142 2.80 -9.92 5.27
N HIS A 143 2.78 -9.85 6.57
CA HIS A 143 2.27 -8.64 7.21
C HIS A 143 2.97 -8.30 8.47
N VAL A 144 2.72 -7.09 8.94
CA VAL A 144 3.36 -6.60 10.16
C VAL A 144 2.39 -5.63 10.79
N LEU A 145 2.25 -5.77 12.10
CA LEU A 145 1.52 -4.80 12.88
C LEU A 145 2.46 -3.67 13.32
N LEU A 146 2.16 -2.48 12.85
CA LEU A 146 2.99 -1.30 13.16
C LEU A 146 2.18 -0.20 13.90
N PRO A 147 2.73 0.34 14.99
CA PRO A 147 2.12 1.53 15.65
C PRO A 147 2.38 2.77 14.85
N VAL A 148 1.37 3.63 14.79
CA VAL A 148 1.50 4.94 14.17
C VAL A 148 2.45 5.78 15.01
N LEU A 149 3.29 6.54 14.33
CA LEU A 149 4.22 7.46 14.93
C LEU A 149 3.75 8.85 14.62
N ASP A 150 3.49 9.62 15.67
CA ASP A 150 3.04 10.95 15.50
C ASP A 150 4.00 11.73 14.57
N ARG A 151 3.41 12.68 13.89
CA ARG A 151 4.09 13.44 12.84
C ARG A 151 5.18 14.33 13.38
N ALA A 152 4.93 14.88 14.57
CA ALA A 152 5.99 15.63 15.24
C ALA A 152 7.27 14.83 15.46
N THR A 153 7.19 13.63 16.01
CA THR A 153 8.39 12.85 16.22
C THR A 153 8.99 12.44 14.87
N CYS A 154 8.12 12.12 13.93
CA CYS A 154 8.56 11.68 12.59
C CYS A 154 9.36 12.79 11.86
N ASN A 155 9.05 14.04 12.15
CA ASN A 155 9.70 15.19 11.54
C ASN A 155 10.93 15.67 12.31
N ARG A 156 11.30 15.02 13.41
CA ARG A 156 12.48 15.50 14.15
C ARG A 156 13.70 15.38 13.30
N ARG A 157 14.63 16.28 13.54
CA ARG A 157 15.88 16.33 12.81
C ARG A 157 16.49 14.98 12.62
N THR A 158 16.51 14.17 13.66
CA THR A 158 17.15 12.85 13.62
C THR A 158 16.28 11.85 12.87
N HIS A 159 15.10 12.26 12.46
CA HIS A 159 14.17 11.32 11.85
C HIS A 159 14.01 11.72 10.37
N HIS A 160 12.83 12.20 9.98
CA HIS A 160 12.65 12.73 8.63
C HIS A 160 12.72 14.23 8.47
N ASP A 161 13.15 14.93 9.51
CA ASP A 161 13.64 16.33 9.35
C ASP A 161 12.67 17.24 8.58
N GLY A 162 11.41 17.33 9.05
CA GLY A 162 10.42 18.24 8.49
C GLY A 162 9.77 17.79 7.19
N ALA A 163 10.18 16.60 6.67
CA ALA A 163 9.71 16.17 5.36
C ALA A 163 8.29 15.70 5.39
N ILE A 164 7.79 15.38 6.58
CA ILE A 164 6.44 14.77 6.65
C ILE A 164 5.35 15.86 6.70
N THR A 165 4.64 16.01 5.60
CA THR A 165 3.54 16.99 5.48
C THR A 165 2.28 16.41 6.17
N GLU A 166 1.25 17.23 6.33
CA GLU A 166 -0.01 16.74 6.90
C GLU A 166 -0.72 15.67 6.06
N ARG A 167 -0.25 15.46 4.84
CA ARG A 167 -0.88 14.53 3.90
C ARG A 167 -0.22 13.17 4.01
N LEU A 168 0.76 13.08 4.90
CA LEU A 168 1.55 11.88 5.10
C LEU A 168 1.47 11.50 6.58
N MET A 169 1.72 10.24 6.84
CA MET A 169 1.85 9.74 8.17
C MET A 169 2.98 8.74 8.26
N CYS A 170 3.36 8.49 9.49
CA CYS A 170 4.44 7.62 9.75
C CYS A 170 3.94 6.52 10.59
N ALA A 171 4.63 5.39 10.48
CA ALA A 171 4.62 4.32 11.44
C ALA A 171 6.02 3.86 11.84
N GLU A 172 6.09 3.21 13.00
CA GLU A 172 7.38 2.71 13.51
C GLU A 172 8.03 1.78 12.51
N SER A 173 9.35 1.85 12.49
CA SER A 173 10.17 1.10 11.56
C SER A 173 11.29 0.36 12.31
N ASN A 174 11.01 -0.11 13.52
CA ASN A 174 12.05 -0.64 14.38
C ASN A 174 12.24 -2.12 14.11
N ARG A 175 13.06 -2.43 13.12
CA ARG A 175 13.32 -3.80 12.63
C ARG A 175 12.12 -4.44 11.86
N ARG A 176 10.88 -4.16 12.30
CA ARG A 176 9.67 -4.45 11.56
C ARG A 176 9.37 -3.22 10.69
N ASP A 177 9.09 -3.42 9.42
CA ASP A 177 8.82 -2.29 8.50
C ASP A 177 8.33 -2.72 7.14
N SER A 178 7.69 -1.78 6.45
CA SER A 178 7.54 -1.88 5.01
C SER A 178 8.91 -1.74 4.35
N CYS A 179 9.05 -2.33 3.18
CA CYS A 179 10.23 -2.22 2.40
C CYS A 179 9.91 -2.31 0.88
N LYS A 180 10.97 -2.50 0.09
CA LYS A 180 10.88 -2.52 -1.37
C LYS A 180 9.87 -3.59 -1.75
N GLY A 181 8.93 -3.22 -2.63
CA GLY A 181 7.92 -4.09 -3.08
C GLY A 181 6.66 -4.00 -2.27
N ASP A 182 6.74 -3.35 -1.08
CA ASP A 182 5.56 -3.07 -0.26
C ASP A 182 4.88 -1.77 -0.63
N SER A 183 5.60 -0.94 -1.37
CA SER A 183 5.05 0.31 -1.91
C SER A 183 3.68 0.10 -2.59
N GLY A 184 2.71 0.96 -2.22
CA GLY A 184 1.41 0.91 -2.81
C GLY A 184 0.40 0.11 -2.03
N GLY A 185 0.86 -0.56 -0.97
CA GLY A 185 0.05 -1.46 -0.19
C GLY A 185 -0.64 -0.74 0.93
N PRO A 186 -1.46 -1.47 1.70
CA PRO A 186 -2.37 -0.83 2.60
C PRO A 186 -1.71 -0.67 3.94
N LEU A 187 -1.97 0.46 4.58
CA LEU A 187 -1.82 0.58 6.01
C LEU A 187 -3.21 0.67 6.61
N VAL A 188 -3.61 -0.34 7.35
CA VAL A 188 -5.03 -0.54 7.77
C VAL A 188 -5.06 -0.32 9.28
N CYS A 189 -5.92 0.58 9.68
CA CYS A 189 -6.05 0.98 11.06
C CYS A 189 -7.55 1.04 11.34
N GLY A 190 -7.93 0.43 12.47
CA GLY A 190 -9.32 0.31 12.88
C GLY A 190 -10.23 -0.12 11.75
N GLY A 191 -9.81 -1.17 11.02
CA GLY A 191 -10.56 -1.79 9.98
C GLY A 191 -10.76 -1.04 8.67
N VAL A 192 -10.05 0.07 8.50
CA VAL A 192 -10.29 0.97 7.41
C VAL A 192 -8.94 1.29 6.81
N LEU A 193 -8.90 1.52 5.49
CA LEU A 193 -7.65 1.97 4.84
C LEU A 193 -7.31 3.37 5.31
N GLU A 194 -6.18 3.52 6.00
CA GLU A 194 -5.75 4.81 6.49
C GLU A 194 -4.68 5.43 5.66
N GLY A 195 -3.72 4.61 5.25
CA GLY A 195 -2.63 5.06 4.44
C GLY A 195 -2.22 4.02 3.40
N VAL A 196 -1.45 4.49 2.44
CA VAL A 196 -0.86 3.73 1.36
C VAL A 196 0.62 3.84 1.52
N VAL A 197 1.28 2.70 1.56
CA VAL A 197 2.74 2.69 1.66
C VAL A 197 3.33 3.58 0.52
N THR A 198 4.19 4.53 0.86
CA THR A 198 4.88 5.29 -0.12
C THR A 198 5.82 4.41 -1.00
N SER A 199 6.25 5.00 -2.10
CA SER A 199 6.94 4.25 -3.16
C SER A 199 8.22 4.96 -3.58
N GLY A 200 8.68 5.90 -2.77
CA GLY A 200 10.06 6.36 -2.87
C GLY A 200 10.98 5.38 -2.16
N SER A 201 12.22 5.28 -2.66
CA SER A 201 13.20 4.46 -1.96
C SER A 201 13.42 5.09 -0.60
N ARG A 202 13.58 4.23 0.41
CA ARG A 202 13.88 4.67 1.77
C ARG A 202 14.48 3.50 2.55
N VAL A 203 15.15 3.78 3.67
CA VAL A 203 15.81 2.71 4.41
C VAL A 203 14.73 1.92 5.07
N CYS A 204 14.90 0.62 5.18
CA CYS A 204 13.94 -0.26 5.87
C CYS A 204 14.53 -0.82 7.17
N GLY A 205 13.71 -0.78 8.24
CA GLY A 205 13.99 -1.43 9.46
C GLY A 205 14.79 -0.60 10.45
N ASN A 206 15.09 0.63 10.08
CA ASN A 206 15.83 1.56 10.94
C ASN A 206 14.87 2.38 11.70
N ARG A 207 14.85 2.15 13.01
CA ARG A 207 13.91 2.84 13.90
C ARG A 207 14.02 4.36 13.85
N LYS A 208 15.15 4.89 13.42
CA LYS A 208 15.33 6.36 13.27
C LYS A 208 14.76 6.95 12.01
N LYS A 209 14.36 6.08 11.07
CA LYS A 209 13.81 6.49 9.79
C LYS A 209 12.44 5.77 9.56
N PRO A 210 11.40 6.23 10.25
CA PRO A 210 10.05 5.64 10.16
C PRO A 210 9.55 5.42 8.76
N GLY A 211 8.69 4.43 8.64
CA GLY A 211 7.91 4.26 7.44
C GLY A 211 6.99 5.43 7.20
N ILE A 212 6.79 5.69 5.92
CA ILE A 212 5.96 6.75 5.51
C ILE A 212 4.82 6.19 4.65
N TYR A 213 3.62 6.71 4.93
CA TYR A 213 2.40 6.29 4.27
C TYR A 213 1.59 7.53 3.91
N THR A 214 0.94 7.46 2.74
CA THR A 214 0.12 8.53 2.28
C THR A 214 -1.25 8.46 2.87
N ARG A 215 -1.69 9.58 3.44
CA ARG A 215 -3.00 9.62 4.10
C ARG A 215 -4.13 9.70 3.08
N VAL A 216 -4.92 8.64 2.99
CA VAL A 216 -5.96 8.61 1.93
C VAL A 216 -7.02 9.65 2.14
N ALA A 217 -7.34 9.99 3.39
CA ALA A 217 -8.37 10.98 3.63
C ALA A 217 -7.95 12.31 3.02
N SER A 218 -6.66 12.57 2.99
CA SER A 218 -6.10 13.85 2.50
C SER A 218 -6.31 13.96 0.99
N TYR A 219 -6.59 12.83 0.39
CA TYR A 219 -6.69 12.72 -1.03
C TYR A 219 -8.12 12.28 -1.46
N ALA A 220 -9.09 12.48 -0.58
CA ALA A 220 -10.48 12.08 -0.91
C ALA A 220 -11.02 12.62 -2.21
N ALA A 221 -10.89 13.94 -2.45
CA ALA A 221 -11.36 14.55 -3.70
C ALA A 221 -10.70 13.90 -4.93
N TRP A 222 -9.41 13.68 -4.89
CA TRP A 222 -8.74 13.01 -5.97
C TRP A 222 -9.33 11.63 -6.18
N ILE A 223 -9.36 10.84 -5.10
CA ILE A 223 -9.83 9.45 -5.22
C ILE A 223 -11.26 9.44 -5.76
N ASP A 224 -12.15 10.20 -5.11
CA ASP A 224 -13.56 10.33 -5.55
C ASP A 224 -13.64 10.72 -6.99
N SER A 225 -12.84 11.67 -7.43
CA SER A 225 -12.97 12.15 -8.79
C SER A 225 -12.54 11.11 -9.84
N VAL A 226 -11.53 10.33 -9.49
CA VAL A 226 -10.96 9.37 -10.41
C VAL A 226 -11.87 8.16 -10.38
N LEU A 227 -12.40 7.76 -9.20
CA LEU A 227 -13.29 6.57 -9.17
C LEU A 227 -14.59 6.80 -9.91
N ALA A 228 -15.01 8.06 -10.06
CA ALA A 228 -16.32 8.38 -10.72
C ALA A 228 -16.13 8.77 -12.17
N SER A 229 -14.87 8.78 -12.63
CA SER A 229 -14.58 8.93 -14.05
C SER A 229 -14.77 7.54 -14.64
#